data_4I2A
#
_entry.id   4I2A
#
_cell.length_a   46.935
_cell.length_b   84.893
_cell.length_c   114.687
_cell.angle_alpha   90.00
_cell.angle_beta   90.00
_cell.angle_gamma   90.00
#
_symmetry.space_group_name_H-M   'P 21 21 21'
#
loop_
_entity.id
_entity.type
_entity.pdbx_description
1 polymer 'DNA nucleotidylexotransferase'
2 polymer "5'-D(*AP*AP*(BRU)P*AP*A)-3'"
3 non-polymer 'MAGNESIUM ION'
4 non-polymer 'SODIUM ION'
5 water water
#
loop_
_entity_poly.entity_id
_entity_poly.type
_entity_poly.pdbx_seq_one_letter_code
_entity_poly.pdbx_strand_id
1 'polypeptide(L)'
;MGSSHHHHHHSSGLVPRGSHMSPSPVPGSQNVPAPAVKKISQYACQRRTTLNNYNQLFTDALDILAENDELRENEGSCLA
FMRASSVLKSLPFPITSMKDTEGIPCLGDKVKSIIEGIIEDGESSEAKAVLNDERYKSFKLFTSVFGVGLKTAEKWFRMG
FRTLSKIQSDKSLRFTQMQKAGFLYYEDLVSCVNRPEAEAVSMLVKEAVVTFLPDALVTMTGGFRRGKMTGHDVDFLITS
PEATEDEEQQLLHKVTDFWKQQGLLLYCDILESTFEKFKQPSRKVDALDHFQKCFLILKLDHGRVHSEKSGQQEGKGWKA
IRVDLVMCPYDRRAFALLGWTGSRQFERDLRRYATHERKMMLDNHALYDRTKRVFLEAESEEEIFAHLGLDYIEPWERNA
;
A
2 'polydeoxyribonucleotide' (DA)(DA)(BRU)(DA)(DA) C
#
# COMPACT_ATOMS: atom_id res chain seq x y z
N LYS A 39 16.89 -23.73 1.14
CA LYS A 39 15.44 -23.98 1.05
C LYS A 39 14.66 -22.68 1.22
N ILE A 40 13.87 -22.29 0.19
CA ILE A 40 13.05 -21.07 0.17
C ILE A 40 12.07 -21.08 1.34
N SER A 41 12.11 -20.01 2.15
CA SER A 41 11.23 -19.92 3.30
C SER A 41 9.79 -19.65 2.88
N GLN A 42 8.85 -20.07 3.73
CA GLN A 42 7.43 -19.82 3.52
C GLN A 42 7.10 -18.36 3.85
N TYR A 43 8.03 -17.63 4.50
CA TYR A 43 7.82 -16.25 4.94
C TYR A 43 8.46 -15.27 3.99
N ALA A 44 7.68 -14.26 3.54
CA ALA A 44 8.20 -13.21 2.64
C ALA A 44 9.34 -12.41 3.30
N CYS A 45 9.31 -12.25 4.65
CA CYS A 45 10.34 -11.55 5.41
C CYS A 45 11.67 -12.33 5.44
N GLN A 46 11.70 -13.61 4.98
CA GLN A 46 12.94 -14.40 4.87
C GLN A 46 13.30 -14.62 3.39
N ARG A 47 12.72 -13.81 2.49
CA ARG A 47 12.97 -13.89 1.04
C ARG A 47 13.32 -12.52 0.53
N ARG A 48 14.11 -12.45 -0.55
CA ARG A 48 14.43 -11.16 -1.18
C ARG A 48 13.57 -11.10 -2.42
N THR A 49 12.67 -10.11 -2.50
CA THR A 49 11.74 -10.02 -3.64
C THR A 49 11.96 -8.67 -4.33
N THR A 50 12.62 -8.72 -5.49
CA THR A 50 12.99 -7.53 -6.25
C THR A 50 12.01 -7.33 -7.42
N LEU A 51 12.08 -6.18 -8.10
CA LEU A 51 11.10 -5.83 -9.13
C LEU A 51 11.32 -6.55 -10.46
N ASN A 52 12.44 -7.29 -10.61
CA ASN A 52 12.65 -8.11 -11.82
C ASN A 52 11.86 -9.43 -11.62
N ASN A 53 10.54 -9.39 -11.83
CA ASN A 53 9.69 -10.56 -11.67
C ASN A 53 9.73 -11.40 -12.96
N TYR A 54 10.29 -12.61 -12.87
CA TYR A 54 10.44 -13.52 -14.03
C TYR A 54 9.19 -14.40 -14.23
N ASN A 55 8.21 -14.28 -13.33
CA ASN A 55 7.04 -15.12 -13.34
C ASN A 55 5.73 -14.35 -13.41
N GLN A 56 5.74 -13.17 -14.08
CA GLN A 56 4.55 -12.31 -14.19
C GLN A 56 3.35 -13.03 -14.82
N LEU A 57 3.57 -13.98 -15.75
CA LEU A 57 2.49 -14.75 -16.38
C LEU A 57 1.70 -15.53 -15.32
N PHE A 58 2.43 -16.14 -14.36
CA PHE A 58 1.82 -16.89 -13.26
C PHE A 58 1.26 -15.98 -12.20
N THR A 59 2.05 -14.97 -11.75
CA THR A 59 1.63 -14.11 -10.63
C THR A 59 0.51 -13.13 -11.00
N ASP A 60 0.45 -12.64 -12.26
CA ASP A 60 -0.68 -11.77 -12.62
C ASP A 60 -2.00 -12.57 -12.52
N ALA A 61 -1.98 -13.85 -12.95
CA ALA A 61 -3.14 -14.74 -12.89
C ALA A 61 -3.51 -15.02 -11.43
N LEU A 62 -2.51 -15.37 -10.58
CA LEU A 62 -2.73 -15.66 -9.15
C LEU A 62 -3.23 -14.43 -8.40
N ASP A 63 -2.74 -13.22 -8.75
CA ASP A 63 -3.21 -11.94 -8.14
C ASP A 63 -4.69 -11.66 -8.49
N ILE A 64 -5.12 -11.99 -9.71
CA ILE A 64 -6.51 -11.82 -10.16
C ILE A 64 -7.42 -12.81 -9.37
N LEU A 65 -6.98 -14.05 -9.26
CA LEU A 65 -7.73 -15.08 -8.55
C LEU A 65 -7.86 -14.73 -7.07
N ALA A 66 -6.77 -14.18 -6.47
CA ALA A 66 -6.77 -13.75 -5.06
C ALA A 66 -7.75 -12.59 -4.86
N GLU A 67 -7.75 -11.62 -5.78
CA GLU A 67 -8.64 -10.44 -5.74
C GLU A 67 -10.13 -10.85 -5.84
N ASN A 68 -10.43 -11.82 -6.71
CA ASN A 68 -11.78 -12.35 -6.87
C ASN A 68 -12.22 -13.04 -5.56
N ASP A 69 -11.33 -13.82 -4.94
CA ASP A 69 -11.65 -14.48 -3.66
C ASP A 69 -11.90 -13.47 -2.54
N GLU A 70 -11.26 -12.28 -2.62
CA GLU A 70 -11.46 -11.20 -1.65
C GLU A 70 -12.88 -10.65 -1.84
N LEU A 71 -13.28 -10.42 -3.11
CA LEU A 71 -14.61 -9.94 -3.49
C LEU A 71 -15.70 -10.95 -3.12
N ARG A 72 -15.43 -12.26 -3.27
CA ARG A 72 -16.38 -13.34 -2.97
C ARG A 72 -16.36 -13.72 -1.47
N GLU A 73 -15.61 -12.95 -0.66
CA GLU A 73 -15.44 -13.07 0.80
C GLU A 73 -14.85 -14.42 1.19
N ASN A 74 -14.06 -15.02 0.29
CA ASN A 74 -13.37 -16.27 0.53
C ASN A 74 -11.93 -15.96 0.97
N GLU A 75 -11.78 -15.58 2.25
CA GLU A 75 -10.52 -15.19 2.91
C GLU A 75 -9.42 -16.28 2.79
N GLY A 76 -9.79 -17.54 2.98
CA GLY A 76 -8.90 -18.70 2.92
C GLY A 76 -8.25 -18.91 1.58
N SER A 77 -9.09 -18.96 0.51
CA SER A 77 -8.63 -19.16 -0.84
C SER A 77 -7.82 -17.93 -1.29
N CYS A 78 -8.22 -16.73 -0.82
CA CYS A 78 -7.52 -15.48 -1.11
C CYS A 78 -6.09 -15.54 -0.58
N LEU A 79 -5.93 -15.93 0.69
CA LEU A 79 -4.63 -16.07 1.35
C LEU A 79 -3.74 -17.09 0.63
N ALA A 80 -4.28 -18.27 0.24
CA ALA A 80 -3.51 -19.30 -0.44
C ALA A 80 -2.97 -18.79 -1.78
N PHE A 81 -3.80 -18.06 -2.56
CA PHE A 81 -3.32 -17.51 -3.83
C PHE A 81 -2.31 -16.38 -3.58
N MET A 82 -2.50 -15.56 -2.52
CA MET A 82 -1.54 -14.47 -2.26
C MET A 82 -0.16 -14.97 -1.89
N ARG A 83 -0.08 -16.06 -1.10
CA ARG A 83 1.18 -16.64 -0.64
C ARG A 83 1.91 -17.32 -1.80
N ALA A 84 1.17 -17.97 -2.69
CA ALA A 84 1.73 -18.62 -3.87
C ALA A 84 2.27 -17.58 -4.81
N SER A 85 1.50 -16.52 -5.07
CA SER A 85 1.95 -15.44 -5.95
C SER A 85 3.24 -14.80 -5.39
N SER A 86 3.25 -14.53 -4.07
CA SER A 86 4.38 -13.94 -3.37
C SER A 86 5.67 -14.76 -3.52
N VAL A 87 5.59 -16.07 -3.27
CA VAL A 87 6.79 -16.92 -3.37
C VAL A 87 7.33 -16.96 -4.84
N LEU A 88 6.44 -16.99 -5.86
CA LEU A 88 6.91 -17.01 -7.25
C LEU A 88 7.58 -15.68 -7.61
N LYS A 89 7.09 -14.56 -7.06
CA LYS A 89 7.69 -13.24 -7.27
C LYS A 89 9.15 -13.20 -6.79
N SER A 90 9.52 -14.03 -5.79
CA SER A 90 10.89 -14.07 -5.23
C SER A 90 11.87 -14.91 -6.07
N LEU A 91 11.38 -15.69 -7.05
CA LEU A 91 12.27 -16.55 -7.83
C LEU A 91 13.23 -15.77 -8.73
N PRO A 92 14.49 -16.23 -8.85
CA PRO A 92 15.46 -15.54 -9.71
C PRO A 92 15.44 -16.05 -11.16
N PHE A 93 14.48 -16.92 -11.47
CA PHE A 93 14.36 -17.54 -12.80
C PHE A 93 12.86 -17.78 -13.11
N PRO A 94 12.47 -17.87 -14.41
CA PRO A 94 11.05 -18.18 -14.73
C PRO A 94 10.74 -19.68 -14.65
N ILE A 95 9.55 -20.04 -14.10
CA ILE A 95 9.08 -21.45 -14.15
C ILE A 95 8.79 -21.79 -15.62
N THR A 96 9.37 -22.87 -16.15
CA THR A 96 9.06 -23.26 -17.55
C THR A 96 8.53 -24.70 -17.63
N SER A 97 8.50 -25.42 -16.49
CA SER A 97 7.96 -26.79 -16.40
C SER A 97 7.50 -27.03 -14.98
N MET A 98 6.66 -28.06 -14.76
CA MET A 98 6.16 -28.36 -13.41
C MET A 98 7.30 -28.80 -12.48
N LYS A 99 8.36 -29.44 -13.04
CA LYS A 99 9.56 -29.87 -12.30
C LYS A 99 10.24 -28.68 -11.61
N ASP A 100 10.20 -27.49 -12.24
CA ASP A 100 10.76 -26.27 -11.65
C ASP A 100 10.06 -25.84 -10.34
N THR A 101 8.86 -26.38 -10.04
CA THR A 101 8.12 -25.98 -8.82
C THR A 101 8.53 -26.84 -7.60
N GLU A 102 9.36 -27.89 -7.81
CA GLU A 102 9.83 -28.79 -6.74
C GLU A 102 10.61 -28.03 -5.68
N GLY A 103 10.25 -28.26 -4.43
CA GLY A 103 10.88 -27.62 -3.28
C GLY A 103 10.38 -26.23 -2.96
N ILE A 104 9.50 -25.65 -3.82
CA ILE A 104 8.96 -24.31 -3.56
C ILE A 104 7.76 -24.44 -2.59
N PRO A 105 7.80 -23.74 -1.43
CA PRO A 105 6.66 -23.81 -0.50
C PRO A 105 5.46 -22.99 -1.00
N CYS A 106 4.30 -23.12 -0.32
CA CYS A 106 3.06 -22.36 -0.57
C CYS A 106 2.45 -22.64 -1.95
N LEU A 107 2.75 -23.80 -2.54
CA LEU A 107 2.17 -24.17 -3.83
C LEU A 107 1.32 -25.43 -3.64
N GLY A 108 0.07 -25.21 -3.25
CA GLY A 108 -0.90 -26.30 -3.07
C GLY A 108 -1.37 -26.87 -4.38
N ASP A 109 -2.21 -27.92 -4.33
CA ASP A 109 -2.72 -28.60 -5.52
C ASP A 109 -3.51 -27.68 -6.44
N LYS A 110 -4.38 -26.81 -5.90
CA LYS A 110 -5.17 -25.86 -6.70
C LYS A 110 -4.25 -24.91 -7.46
N VAL A 111 -3.22 -24.37 -6.77
CA VAL A 111 -2.25 -23.46 -7.38
C VAL A 111 -1.46 -24.18 -8.48
N LYS A 112 -1.00 -25.41 -8.23
CA LYS A 112 -0.23 -26.17 -9.22
C LYS A 112 -1.04 -26.47 -10.49
N SER A 113 -2.38 -26.65 -10.37
CA SER A 113 -3.25 -26.81 -11.53
C SER A 113 -3.25 -25.53 -12.37
N ILE A 114 -3.25 -24.36 -11.71
CA ILE A 114 -3.24 -23.06 -12.41
C ILE A 114 -1.89 -22.87 -13.14
N ILE A 115 -0.77 -23.17 -12.47
CA ILE A 115 0.56 -23.07 -13.07
C ILE A 115 0.64 -24.00 -14.31
N GLU A 116 0.15 -25.24 -14.17
CA GLU A 116 0.16 -26.23 -15.26
C GLU A 116 -0.57 -25.70 -16.50
N GLY A 117 -1.74 -25.08 -16.29
CA GLY A 117 -2.55 -24.52 -17.36
C GLY A 117 -1.86 -23.40 -18.11
N ILE A 118 -1.10 -22.54 -17.39
CA ILE A 118 -0.35 -21.43 -17.97
C ILE A 118 0.86 -21.98 -18.78
N ILE A 119 1.53 -23.01 -18.27
CA ILE A 119 2.65 -23.67 -18.97
C ILE A 119 2.12 -24.27 -20.28
N GLU A 120 0.90 -24.85 -20.25
CA GLU A 120 0.24 -25.48 -21.41
C GLU A 120 0.10 -24.56 -22.65
N ASP A 121 -0.51 -23.37 -22.50
CA ASP A 121 -0.75 -22.49 -23.66
C ASP A 121 -0.49 -20.98 -23.40
N GLY A 122 0.26 -20.66 -22.34
CA GLY A 122 0.60 -19.28 -21.98
C GLY A 122 -0.50 -18.46 -21.34
N GLU A 123 -1.68 -19.06 -21.09
CA GLU A 123 -2.84 -18.36 -20.51
C GLU A 123 -3.43 -19.12 -19.35
N SER A 124 -4.11 -18.40 -18.47
CA SER A 124 -4.86 -19.00 -17.36
C SER A 124 -6.34 -18.89 -17.70
N SER A 125 -7.01 -20.04 -17.95
CA SER A 125 -8.43 -20.06 -18.26
C SER A 125 -9.24 -19.57 -17.04
N GLU A 126 -8.76 -19.89 -15.81
CA GLU A 126 -9.36 -19.49 -14.54
C GLU A 126 -9.30 -17.97 -14.35
N ALA A 127 -8.13 -17.34 -14.60
CA ALA A 127 -8.00 -15.87 -14.46
C ALA A 127 -8.78 -15.15 -15.59
N LYS A 128 -8.83 -15.76 -16.80
CA LYS A 128 -9.58 -15.24 -17.95
C LYS A 128 -11.10 -15.21 -17.64
N ALA A 129 -11.61 -16.24 -16.95
CA ALA A 129 -13.02 -16.31 -16.56
C ALA A 129 -13.33 -15.23 -15.50
N VAL A 130 -12.37 -14.92 -14.59
CA VAL A 130 -12.58 -13.87 -13.59
C VAL A 130 -12.64 -12.49 -14.30
N LEU A 131 -11.73 -12.26 -15.26
CA LEU A 131 -11.64 -11.01 -16.02
C LEU A 131 -12.90 -10.72 -16.85
N ASN A 132 -13.64 -11.78 -17.22
CA ASN A 132 -14.88 -11.70 -17.99
C ASN A 132 -16.12 -11.74 -17.09
N ASP A 133 -15.96 -12.01 -15.78
CA ASP A 133 -17.09 -12.08 -14.83
C ASP A 133 -17.66 -10.68 -14.60
N GLU A 134 -19.00 -10.54 -14.67
CA GLU A 134 -19.63 -9.22 -14.55
C GLU A 134 -19.48 -8.61 -13.17
N ARG A 135 -19.57 -9.41 -12.10
CA ARG A 135 -19.39 -8.91 -10.74
C ARG A 135 -17.95 -8.42 -10.53
N TYR A 136 -16.97 -9.20 -11.01
CA TYR A 136 -15.56 -8.84 -10.84
C TYR A 136 -15.26 -7.56 -11.61
N LYS A 137 -15.70 -7.45 -12.87
CA LYS A 137 -15.48 -6.25 -13.69
C LYS A 137 -16.09 -5.00 -13.04
N SER A 138 -17.32 -5.11 -12.52
CA SER A 138 -18.00 -4.00 -11.86
C SER A 138 -17.28 -3.58 -10.59
N PHE A 139 -16.82 -4.55 -9.77
CA PHE A 139 -16.12 -4.23 -8.53
C PHE A 139 -14.80 -3.51 -8.81
N LYS A 140 -14.04 -3.95 -9.83
CA LYS A 140 -12.78 -3.31 -10.18
C LYS A 140 -13.01 -1.90 -10.66
N LEU A 141 -13.99 -1.73 -11.55
CA LEU A 141 -14.31 -0.45 -12.15
C LEU A 141 -14.83 0.54 -11.10
N PHE A 142 -15.78 0.11 -10.25
CA PHE A 142 -16.37 1.02 -9.27
C PHE A 142 -15.39 1.40 -8.18
N THR A 143 -14.61 0.44 -7.65
CA THR A 143 -13.65 0.76 -6.58
C THR A 143 -12.43 1.55 -7.11
N SER A 144 -12.29 1.72 -8.44
CA SER A 144 -11.20 2.52 -9.04
C SER A 144 -11.46 4.02 -8.75
N VAL A 145 -12.68 4.35 -8.29
CA VAL A 145 -13.06 5.70 -7.89
C VAL A 145 -12.63 5.90 -6.42
N PHE A 146 -11.94 7.02 -6.13
CA PHE A 146 -11.58 7.37 -4.77
C PHE A 146 -12.88 7.61 -3.98
N GLY A 147 -13.05 6.91 -2.87
CA GLY A 147 -14.24 7.03 -2.03
C GLY A 147 -15.23 5.89 -2.18
N VAL A 148 -14.97 4.97 -3.12
CA VAL A 148 -15.83 3.81 -3.37
C VAL A 148 -15.10 2.54 -2.94
N GLY A 149 -15.66 1.85 -1.95
CA GLY A 149 -15.12 0.58 -1.47
C GLY A 149 -16.04 -0.58 -1.82
N LEU A 150 -15.78 -1.73 -1.21
CA LEU A 150 -16.51 -2.99 -1.42
C LEU A 150 -18.04 -2.85 -1.27
N LYS A 151 -18.51 -2.23 -0.18
CA LYS A 151 -19.94 -2.07 0.11
C LYS A 151 -20.68 -1.20 -0.92
N THR A 152 -20.13 -0.02 -1.26
CA THR A 152 -20.78 0.86 -2.26
C THR A 152 -20.74 0.23 -3.67
N ALA A 153 -19.64 -0.45 -4.04
CA ALA A 153 -19.52 -1.12 -5.32
C ALA A 153 -20.57 -2.23 -5.45
N GLU A 154 -20.77 -3.00 -4.37
CA GLU A 154 -21.77 -4.08 -4.31
C GLU A 154 -23.19 -3.51 -4.42
N LYS A 155 -23.47 -2.39 -3.72
CA LYS A 155 -24.74 -1.70 -3.75
C LYS A 155 -25.09 -1.25 -5.18
N TRP A 156 -24.12 -0.60 -5.87
CA TRP A 156 -24.37 -0.11 -7.22
C TRP A 156 -24.59 -1.24 -8.21
N PHE A 157 -23.86 -2.36 -8.05
CA PHE A 157 -24.01 -3.55 -8.89
C PHE A 157 -25.43 -4.13 -8.74
N ARG A 158 -25.91 -4.27 -7.50
CA ARG A 158 -27.25 -4.80 -7.22
C ARG A 158 -28.37 -3.83 -7.65
N MET A 159 -28.01 -2.56 -7.89
CA MET A 159 -28.96 -1.58 -8.43
C MET A 159 -29.02 -1.67 -9.96
N GLY A 160 -28.10 -2.43 -10.55
CA GLY A 160 -28.05 -2.62 -11.99
C GLY A 160 -27.09 -1.73 -12.73
N PHE A 161 -26.24 -0.94 -12.00
CA PHE A 161 -25.24 -0.10 -12.66
C PHE A 161 -24.06 -0.94 -13.15
N ARG A 162 -23.52 -0.59 -14.32
CA ARG A 162 -22.38 -1.29 -14.90
C ARG A 162 -21.31 -0.34 -15.39
N THR A 163 -21.64 0.96 -15.56
CA THR A 163 -20.64 1.91 -16.05
C THR A 163 -20.54 3.14 -15.15
N LEU A 164 -19.38 3.80 -15.16
CA LEU A 164 -19.17 5.00 -14.34
C LEU A 164 -20.00 6.17 -14.88
N SER A 165 -20.18 6.25 -16.21
CA SER A 165 -21.00 7.29 -16.83
C SER A 165 -22.45 7.24 -16.32
N LYS A 166 -23.01 6.01 -16.19
CA LYS A 166 -24.39 5.86 -15.71
C LYS A 166 -24.48 6.20 -14.21
N ILE A 167 -23.42 5.92 -13.45
CA ILE A 167 -23.43 6.26 -12.02
C ILE A 167 -23.41 7.78 -11.83
N GLN A 168 -22.45 8.47 -12.46
CA GLN A 168 -22.23 9.92 -12.35
C GLN A 168 -23.37 10.76 -12.81
N SER A 169 -24.09 10.31 -13.84
CA SER A 169 -25.17 11.10 -14.40
C SER A 169 -26.52 10.77 -13.76
N ASP A 170 -26.58 9.78 -12.84
CA ASP A 170 -27.83 9.40 -12.16
C ASP A 170 -28.34 10.53 -11.27
N LYS A 171 -29.62 10.85 -11.31
CA LYS A 171 -30.17 11.97 -10.56
C LYS A 171 -30.72 11.57 -9.18
N SER A 172 -30.79 10.27 -8.87
CA SER A 172 -31.30 9.78 -7.60
C SER A 172 -30.18 9.44 -6.62
N LEU A 173 -28.99 9.05 -7.12
CA LEU A 173 -27.85 8.68 -6.29
C LEU A 173 -27.33 9.87 -5.48
N ARG A 174 -26.88 9.61 -4.23
CA ARG A 174 -26.26 10.60 -3.37
C ARG A 174 -24.84 10.17 -3.10
N PHE A 175 -23.90 11.07 -3.34
CA PHE A 175 -22.47 10.80 -3.21
C PHE A 175 -21.85 11.47 -2.00
N THR A 176 -20.90 10.76 -1.36
CA THR A 176 -20.12 11.28 -0.22
C THR A 176 -19.14 12.32 -0.77
N GLN A 177 -18.60 13.18 0.09
CA GLN A 177 -17.62 14.20 -0.33
C GLN A 177 -16.37 13.55 -0.96
N MET A 178 -15.95 12.37 -0.41
CA MET A 178 -14.83 11.59 -0.91
C MET A 178 -15.10 11.12 -2.37
N GLN A 179 -16.32 10.60 -2.66
CA GLN A 179 -16.75 10.13 -3.98
C GLN A 179 -16.83 11.27 -5.01
N LYS A 180 -17.36 12.44 -4.59
CA LYS A 180 -17.44 13.65 -5.42
C LYS A 180 -16.03 14.01 -5.93
N ALA A 181 -15.03 14.04 -5.02
CA ALA A 181 -13.61 14.28 -5.37
C ALA A 181 -13.09 13.15 -6.27
N GLY A 182 -13.47 11.90 -5.96
CA GLY A 182 -13.10 10.74 -6.75
C GLY A 182 -13.55 10.81 -8.20
N PHE A 183 -14.77 11.33 -8.42
CA PHE A 183 -15.31 11.49 -9.78
C PHE A 183 -14.75 12.73 -10.46
N LEU A 184 -14.62 13.86 -9.73
CA LEU A 184 -14.11 15.12 -10.29
C LEU A 184 -12.66 14.99 -10.83
N TYR A 185 -11.81 14.26 -10.10
CA TYR A 185 -10.40 14.10 -10.45
C TYR A 185 -10.08 12.67 -10.94
N TYR A 186 -11.11 11.93 -11.40
CA TYR A 186 -10.99 10.52 -11.82
C TYR A 186 -9.85 10.24 -12.80
N GLU A 187 -9.81 10.93 -13.96
CA GLU A 187 -8.78 10.66 -14.99
C GLU A 187 -7.36 10.86 -14.46
N ASP A 188 -7.13 11.90 -13.66
CA ASP A 188 -5.82 12.14 -13.06
C ASP A 188 -5.44 11.07 -12.05
N LEU A 189 -6.40 10.68 -11.16
CA LEU A 189 -6.17 9.69 -10.12
C LEU A 189 -6.01 8.28 -10.70
N VAL A 190 -6.63 7.98 -11.84
CA VAL A 190 -6.50 6.65 -12.42
C VAL A 190 -5.18 6.53 -13.25
N SER A 191 -4.57 7.66 -13.64
CA SER A 191 -3.31 7.63 -14.38
C SER A 191 -2.17 7.41 -13.39
N CYS A 192 -1.14 6.64 -13.77
CA CYS A 192 -0.04 6.33 -12.85
C CYS A 192 0.75 7.58 -12.41
N VAL A 193 1.04 7.70 -11.09
CA VAL A 193 1.98 8.70 -10.57
C VAL A 193 3.37 8.15 -10.90
N ASN A 194 4.21 8.93 -11.60
CA ASN A 194 5.55 8.46 -11.95
C ASN A 194 6.59 9.04 -10.94
N ARG A 195 7.89 8.69 -11.07
CA ARG A 195 8.91 9.13 -10.09
C ARG A 195 9.15 10.66 -10.14
N PRO A 196 9.25 11.33 -11.32
CA PRO A 196 9.39 12.80 -11.31
C PRO A 196 8.21 13.47 -10.57
N GLU A 197 6.96 12.95 -10.73
CA GLU A 197 5.80 13.49 -10.01
C GLU A 197 5.92 13.23 -8.51
N ALA A 198 6.31 11.99 -8.09
CA ALA A 198 6.50 11.65 -6.68
C ALA A 198 7.55 12.55 -6.03
N GLU A 199 8.64 12.82 -6.77
CA GLU A 199 9.72 13.68 -6.26
C GLU A 199 9.24 15.13 -6.11
N ALA A 200 8.41 15.59 -7.06
CA ALA A 200 7.85 16.94 -7.04
C ALA A 200 6.93 17.09 -5.82
N VAL A 201 6.15 16.04 -5.53
CA VAL A 201 5.28 16.01 -4.34
C VAL A 201 6.15 16.03 -3.07
N SER A 202 7.25 15.24 -3.04
CA SER A 202 8.16 15.20 -1.89
C SER A 202 8.69 16.60 -1.53
N MET A 203 9.06 17.38 -2.56
CA MET A 203 9.55 18.75 -2.42
C MET A 203 8.48 19.63 -1.79
N LEU A 204 7.21 19.52 -2.26
CA LEU A 204 6.07 20.26 -1.72
C LEU A 204 5.85 19.92 -0.25
N VAL A 205 5.87 18.61 0.10
CA VAL A 205 5.67 18.13 1.47
C VAL A 205 6.78 18.68 2.38
N LYS A 206 8.06 18.51 1.98
CA LYS A 206 9.21 18.97 2.76
C LYS A 206 9.17 20.49 2.97
N GLU A 207 8.90 21.26 1.89
CA GLU A 207 8.81 22.74 1.97
C GLU A 207 7.76 23.20 2.95
N ALA A 208 6.58 22.56 2.96
CA ALA A 208 5.48 22.89 3.85
C ALA A 208 5.79 22.50 5.30
N VAL A 209 6.26 21.25 5.50
CA VAL A 209 6.58 20.70 6.83
C VAL A 209 7.68 21.53 7.58
N VAL A 210 8.84 21.82 6.93
CA VAL A 210 9.94 22.54 7.58
C VAL A 210 9.58 24.01 7.90
N THR A 211 8.53 24.57 7.25
CA THR A 211 8.02 25.91 7.51
C THR A 211 7.50 25.99 8.97
N PHE A 212 6.90 24.89 9.48
CA PHE A 212 6.35 24.84 10.83
C PHE A 212 7.25 24.07 11.83
N LEU A 213 7.93 23.00 11.37
CA LEU A 213 8.87 22.17 12.15
C LEU A 213 10.19 22.03 11.37
N PRO A 214 11.18 22.95 11.56
CA PRO A 214 12.42 22.86 10.75
C PRO A 214 13.29 21.64 10.99
N ASP A 215 13.16 20.97 12.15
CA ASP A 215 13.95 19.76 12.44
C ASP A 215 13.26 18.45 11.97
N ALA A 216 12.08 18.56 11.35
CA ALA A 216 11.31 17.37 10.96
C ALA A 216 11.99 16.56 9.87
N LEU A 217 11.84 15.25 9.97
CA LEU A 217 12.34 14.27 9.04
C LEU A 217 11.17 13.76 8.24
N VAL A 218 11.24 13.92 6.91
CA VAL A 218 10.18 13.51 5.99
C VAL A 218 10.73 12.40 5.10
N THR A 219 10.07 11.22 5.10
CA THR A 219 10.51 10.10 4.30
C THR A 219 9.40 9.61 3.40
N MET A 220 9.70 9.44 2.10
CA MET A 220 8.74 8.84 1.16
C MET A 220 8.69 7.34 1.46
N THR A 221 7.50 6.78 1.66
CA THR A 221 7.37 5.36 1.98
C THR A 221 6.65 4.64 0.82
N GLY A 222 5.94 3.55 1.11
CA GLY A 222 5.20 2.77 0.13
C GLY A 222 6.03 2.24 -1.03
N GLY A 223 5.36 1.97 -2.15
CA GLY A 223 5.98 1.41 -3.36
C GLY A 223 7.20 2.13 -3.89
N PHE A 224 7.19 3.48 -3.90
CA PHE A 224 8.31 4.28 -4.39
C PHE A 224 9.57 4.03 -3.57
N ARG A 225 9.43 3.80 -2.23
CA ARG A 225 10.60 3.49 -1.39
C ARG A 225 11.15 2.10 -1.73
N ARG A 226 10.27 1.20 -2.24
CA ARG A 226 10.65 -0.15 -2.64
C ARG A 226 11.21 -0.22 -4.07
N GLY A 227 11.35 0.94 -4.73
CA GLY A 227 11.94 1.04 -6.06
C GLY A 227 10.97 1.11 -7.23
N LYS A 228 9.66 1.18 -6.96
CA LYS A 228 8.68 1.18 -8.05
C LYS A 228 8.77 2.43 -8.91
N MET A 229 8.53 2.27 -10.20
CA MET A 229 8.53 3.36 -11.16
C MET A 229 7.22 4.13 -11.11
N THR A 230 6.14 3.48 -10.65
CA THR A 230 4.82 4.11 -10.60
C THR A 230 4.10 3.74 -9.32
N GLY A 231 2.99 4.44 -9.07
CA GLY A 231 2.10 4.22 -7.93
C GLY A 231 0.78 4.92 -8.09
N HIS A 232 -0.22 4.55 -7.27
CA HIS A 232 -1.55 5.18 -7.32
C HIS A 232 -1.57 6.43 -6.44
N ASP A 233 -0.61 6.49 -5.50
CA ASP A 233 -0.46 7.57 -4.53
C ASP A 233 1.01 7.72 -4.10
N VAL A 234 1.28 8.77 -3.31
CA VAL A 234 2.60 9.08 -2.76
C VAL A 234 2.42 9.23 -1.25
N ASP A 235 3.14 8.40 -0.46
CA ASP A 235 3.01 8.34 0.98
C ASP A 235 4.26 8.81 1.65
N PHE A 236 4.09 9.49 2.79
CA PHE A 236 5.19 10.07 3.54
C PHE A 236 5.04 9.84 5.02
N LEU A 237 6.17 9.61 5.68
CA LEU A 237 6.24 9.51 7.12
C LEU A 237 6.95 10.77 7.60
N ILE A 238 6.36 11.45 8.56
CA ILE A 238 6.91 12.69 9.13
C ILE A 238 7.13 12.45 10.61
N THR A 239 8.28 12.88 11.13
CA THR A 239 8.60 12.77 12.54
C THR A 239 9.54 13.93 12.94
N SER A 240 9.52 14.33 14.23
CA SER A 240 10.36 15.42 14.68
C SER A 240 11.02 15.07 16.04
N PRO A 241 12.37 15.15 16.14
CA PRO A 241 13.02 14.80 17.41
C PRO A 241 12.77 15.80 18.55
N GLU A 242 12.46 17.08 18.26
CA GLU A 242 12.28 18.06 19.34
C GLU A 242 10.82 18.57 19.52
N ALA A 243 9.89 18.26 18.59
CA ALA A 243 8.49 18.71 18.71
C ALA A 243 7.80 18.16 19.98
N THR A 244 6.91 18.96 20.56
CA THR A 244 6.12 18.57 21.73
C THR A 244 4.94 17.69 21.25
N GLU A 245 4.14 17.13 22.21
CA GLU A 245 2.95 16.32 21.91
C GLU A 245 1.93 17.15 21.12
N ASP A 246 1.76 18.44 21.51
CA ASP A 246 0.85 19.38 20.86
C ASP A 246 1.36 19.81 19.50
N GLU A 247 2.68 20.12 19.37
CA GLU A 247 3.29 20.50 18.09
C GLU A 247 3.13 19.39 17.06
N GLU A 248 3.35 18.13 17.50
CA GLU A 248 3.19 16.90 16.70
C GLU A 248 1.78 16.75 16.19
N GLN A 249 0.80 17.13 17.04
CA GLN A 249 -0.62 17.02 16.72
C GLN A 249 -1.04 18.10 15.70
N GLN A 250 -0.48 19.31 15.82
CA GLN A 250 -0.89 20.44 14.99
C GLN A 250 -0.23 20.51 13.59
N LEU A 251 0.91 19.84 13.37
CA LEU A 251 1.63 19.93 12.10
C LEU A 251 0.76 19.63 10.85
N LEU A 252 0.01 18.51 10.83
CA LEU A 252 -0.79 18.15 9.64
C LEU A 252 -1.90 19.20 9.37
N HIS A 253 -2.47 19.79 10.45
CA HIS A 253 -3.47 20.86 10.33
C HIS A 253 -2.81 22.13 9.75
N LYS A 254 -1.60 22.50 10.24
CA LYS A 254 -0.87 23.69 9.74
C LYS A 254 -0.48 23.55 8.26
N VAL A 255 0.04 22.39 7.89
CA VAL A 255 0.52 22.09 6.53
C VAL A 255 -0.66 22.10 5.53
N THR A 256 -1.81 21.51 5.91
CA THR A 256 -2.98 21.45 5.02
C THR A 256 -3.65 22.83 4.92
N ASP A 257 -3.67 23.63 6.01
CA ASP A 257 -4.23 24.99 5.96
C ASP A 257 -3.41 25.87 5.02
N PHE A 258 -2.06 25.71 5.06
CA PHE A 258 -1.11 26.43 4.20
C PHE A 258 -1.40 26.10 2.72
N TRP A 259 -1.61 24.81 2.39
CA TRP A 259 -1.93 24.36 1.03
C TRP A 259 -3.32 24.84 0.60
N LYS A 260 -4.30 24.88 1.54
CA LYS A 260 -5.66 25.36 1.29
C LYS A 260 -5.60 26.84 0.88
N GLN A 261 -4.76 27.64 1.60
CA GLN A 261 -4.51 29.06 1.32
C GLN A 261 -3.87 29.27 -0.06
N GLN A 262 -2.97 28.35 -0.47
N GLN A 262 -2.98 28.36 -0.47
CA GLN A 262 -2.27 28.40 -1.75
CA GLN A 262 -2.28 28.42 -1.75
C GLN A 262 -3.14 27.90 -2.92
C GLN A 262 -3.17 27.94 -2.91
N GLY A 263 -4.26 27.23 -2.60
CA GLY A 263 -5.20 26.69 -3.57
C GLY A 263 -4.73 25.37 -4.13
N LEU A 264 -4.00 24.59 -3.31
CA LEU A 264 -3.43 23.30 -3.72
C LEU A 264 -4.15 22.11 -3.09
N LEU A 265 -4.99 22.36 -2.08
CA LEU A 265 -5.71 21.32 -1.38
C LEU A 265 -7.03 21.05 -2.09
N LEU A 266 -7.09 19.92 -2.81
CA LEU A 266 -8.28 19.53 -3.57
C LEU A 266 -9.20 18.65 -2.71
N TYR A 267 -8.63 17.89 -1.78
CA TYR A 267 -9.36 17.05 -0.84
C TYR A 267 -8.51 16.86 0.40
N CYS A 268 -9.16 16.80 1.59
CA CYS A 268 -8.41 16.60 2.84
C CYS A 268 -9.27 15.91 3.86
N ASP A 269 -8.74 14.84 4.48
CA ASP A 269 -9.37 14.09 5.57
C ASP A 269 -8.27 13.79 6.57
N ILE A 270 -8.33 14.40 7.77
CA ILE A 270 -7.32 14.18 8.81
C ILE A 270 -7.91 13.25 9.86
N LEU A 271 -7.22 12.13 10.11
CA LEU A 271 -7.60 11.16 11.13
C LEU A 271 -6.73 11.41 12.34
N GLU A 272 -7.34 11.79 13.46
CA GLU A 272 -6.61 12.06 14.68
C GLU A 272 -6.01 10.78 15.21
N SER A 273 -4.89 10.91 15.91
CA SER A 273 -4.20 9.78 16.50
C SER A 273 -5.02 9.13 17.61
N THR A 274 -4.95 7.80 17.70
CA THR A 274 -5.55 7.00 18.76
C THR A 274 -4.40 6.18 19.40
N PHE A 275 -3.15 6.61 19.11
CA PHE A 275 -1.91 6.00 19.58
C PHE A 275 -1.86 5.95 21.08
N GLU A 276 -1.46 4.78 21.61
CA GLU A 276 -1.30 4.56 23.05
C GLU A 276 0.13 4.12 23.31
N LYS A 277 0.91 4.98 23.98
CA LYS A 277 2.32 4.80 24.31
C LYS A 277 2.62 3.46 24.99
N PHE A 278 1.75 2.99 25.90
CA PHE A 278 2.03 1.78 26.66
C PHE A 278 1.12 0.56 26.34
N LYS A 279 0.40 0.59 25.21
CA LYS A 279 -0.43 -0.57 24.83
C LYS A 279 0.43 -1.67 24.16
N GLN A 280 0.09 -2.95 24.37
CA GLN A 280 0.76 -4.07 23.70
C GLN A 280 0.47 -4.01 22.17
N PRO A 281 1.40 -4.42 21.27
CA PRO A 281 1.09 -4.36 19.82
C PRO A 281 -0.03 -5.32 19.44
N SER A 282 -0.66 -5.05 18.29
CA SER A 282 -1.80 -5.80 17.75
C SER A 282 -1.52 -7.31 17.58
N ARG A 283 -2.56 -8.11 17.84
CA ARG A 283 -2.56 -9.58 17.70
C ARG A 283 -3.16 -9.98 16.33
N LYS A 284 -3.92 -9.03 15.69
CA LYS A 284 -4.59 -9.17 14.40
C LYS A 284 -3.63 -9.56 13.26
N VAL A 285 -4.16 -10.31 12.25
CA VAL A 285 -3.44 -10.73 11.06
C VAL A 285 -3.03 -9.49 10.24
N ASP A 286 -3.99 -8.54 10.10
CA ASP A 286 -3.81 -7.24 9.45
C ASP A 286 -3.94 -6.16 10.52
N ALA A 287 -2.81 -5.66 11.01
CA ALA A 287 -2.75 -4.67 12.10
C ALA A 287 -3.18 -3.27 11.63
N LEU A 288 -3.91 -2.56 12.50
CA LEU A 288 -4.39 -1.18 12.26
C LEU A 288 -3.32 -0.17 12.70
N ASP A 289 -3.27 0.99 12.00
CA ASP A 289 -2.32 2.05 12.33
C ASP A 289 -3.07 3.15 13.11
N HIS A 290 -2.59 3.44 14.32
CA HIS A 290 -3.24 4.39 15.21
C HIS A 290 -2.61 5.79 15.16
N PHE A 291 -1.57 6.01 14.32
CA PHE A 291 -0.92 7.33 14.24
C PHE A 291 -1.80 8.34 13.53
N GLN A 292 -1.59 9.65 13.82
CA GLN A 292 -2.29 10.72 13.14
C GLN A 292 -1.93 10.68 11.65
N LYS A 293 -2.93 10.74 10.78
CA LYS A 293 -2.67 10.67 9.35
C LYS A 293 -3.67 11.49 8.56
N CYS A 294 -3.35 11.77 7.30
CA CYS A 294 -4.28 12.48 6.44
C CYS A 294 -4.21 11.91 5.05
N PHE A 295 -5.40 11.83 4.43
CA PHE A 295 -5.62 11.35 3.06
C PHE A 295 -5.96 12.56 2.25
N LEU A 296 -5.09 12.90 1.32
CA LEU A 296 -5.22 14.12 0.53
C LEU A 296 -5.23 13.91 -0.95
N ILE A 297 -5.71 14.94 -1.64
CA ILE A 297 -5.61 15.12 -3.08
C ILE A 297 -4.96 16.49 -3.24
N LEU A 298 -3.76 16.54 -3.84
CA LEU A 298 -3.07 17.80 -4.04
C LEU A 298 -3.03 18.20 -5.49
N LYS A 299 -3.02 19.52 -5.75
CA LYS A 299 -2.89 20.09 -7.08
C LYS A 299 -1.38 20.20 -7.38
N LEU A 300 -0.87 19.39 -8.32
CA LEU A 300 0.53 19.39 -8.69
C LEU A 300 0.73 20.14 -10.02
N ASP A 301 1.24 21.37 -9.95
CA ASP A 301 1.51 22.18 -11.15
C ASP A 301 2.58 21.52 -11.99
N HIS A 302 2.41 21.53 -13.34
CA HIS A 302 3.33 20.90 -14.29
C HIS A 302 4.76 21.46 -14.17
N GLY A 303 4.89 22.76 -13.88
CA GLY A 303 6.17 23.46 -13.74
C GLY A 303 7.06 22.90 -12.65
N ARG A 304 6.47 22.25 -11.64
CA ARG A 304 7.17 21.65 -10.50
C ARG A 304 7.78 20.27 -10.82
N VAL A 305 7.32 19.65 -11.92
CA VAL A 305 7.74 18.31 -12.34
C VAL A 305 8.92 18.42 -13.31
N HIS A 306 10.07 17.82 -12.96
CA HIS A 306 11.27 17.84 -13.82
C HIS A 306 11.41 16.45 -14.44
N SER A 307 10.74 16.27 -15.57
CA SER A 307 10.71 14.98 -16.28
C SER A 307 11.28 15.15 -17.68
N GLU A 308 11.22 14.08 -18.48
CA GLU A 308 11.66 14.08 -19.87
C GLU A 308 10.65 14.85 -20.76
N LYS A 309 9.35 14.83 -20.37
CA LYS A 309 8.28 15.54 -21.08
C LYS A 309 8.05 16.89 -20.38
N SER A 310 9.05 17.80 -20.49
CA SER A 310 9.03 19.13 -19.88
C SER A 310 9.91 20.09 -20.69
N GLN A 313 0.34 23.78 -20.22
CA GLN A 313 1.33 23.00 -20.96
C GLN A 313 0.65 22.21 -22.11
N GLU A 314 0.21 20.97 -21.85
CA GLU A 314 -0.48 20.14 -22.82
C GLU A 314 -2.01 20.33 -22.66
N GLY A 315 -2.46 20.32 -21.40
CA GLY A 315 -3.85 20.51 -21.04
C GLY A 315 -4.04 21.62 -20.02
N LYS A 316 -4.67 21.30 -18.87
CA LYS A 316 -4.96 22.25 -17.78
C LYS A 316 -3.69 22.80 -17.08
N GLY A 317 -2.56 22.11 -17.23
CA GLY A 317 -1.28 22.51 -16.66
C GLY A 317 -1.00 22.04 -15.24
N TRP A 318 -1.82 21.11 -14.73
CA TRP A 318 -1.67 20.53 -13.40
C TRP A 318 -2.26 19.12 -13.36
N LYS A 319 -1.93 18.34 -12.33
CA LYS A 319 -2.39 16.98 -12.15
C LYS A 319 -2.79 16.77 -10.69
N ALA A 320 -3.98 16.16 -10.47
CA ALA A 320 -4.45 15.79 -9.13
C ALA A 320 -3.67 14.55 -8.70
N ILE A 321 -3.14 14.57 -7.48
CA ILE A 321 -2.32 13.47 -6.95
C ILE A 321 -2.81 13.06 -5.58
N ARG A 322 -3.01 11.76 -5.38
CA ARG A 322 -3.37 11.23 -4.07
C ARG A 322 -2.10 11.20 -3.21
N VAL A 323 -2.14 11.82 -2.03
CA VAL A 323 -1.02 11.91 -1.10
C VAL A 323 -1.48 11.51 0.29
N ASP A 324 -0.70 10.67 0.99
CA ASP A 324 -0.98 10.35 2.38
C ASP A 324 0.18 10.79 3.25
N LEU A 325 -0.11 11.44 4.37
CA LEU A 325 0.91 11.88 5.33
C LEU A 325 0.63 11.22 6.65
N VAL A 326 1.67 10.71 7.29
CA VAL A 326 1.59 10.05 8.60
C VAL A 326 2.58 10.74 9.52
N MET A 327 2.12 11.12 10.74
CA MET A 327 2.94 11.76 11.75
C MET A 327 3.10 10.79 12.91
N CYS A 328 4.34 10.50 13.29
CA CYS A 328 4.53 9.58 14.41
C CYS A 328 5.47 10.16 15.46
N PRO A 329 5.39 9.68 16.73
CA PRO A 329 6.36 10.10 17.75
C PRO A 329 7.76 9.66 17.34
N TYR A 330 8.76 10.48 17.63
CA TYR A 330 10.13 10.24 17.23
C TYR A 330 10.66 8.84 17.56
N ASP A 331 10.38 8.32 18.78
CA ASP A 331 10.90 7.02 19.23
C ASP A 331 10.29 5.84 18.49
N ARG A 332 9.15 6.03 17.79
CA ARG A 332 8.51 4.92 17.05
C ARG A 332 8.75 5.01 15.55
N ARG A 333 9.61 5.95 15.11
CA ARG A 333 9.85 6.19 13.68
C ARG A 333 10.32 4.93 12.90
N ALA A 334 11.10 4.03 13.52
CA ALA A 334 11.56 2.83 12.80
C ALA A 334 10.41 1.84 12.58
N PHE A 335 9.54 1.69 13.59
CA PHE A 335 8.39 0.78 13.46
C PHE A 335 7.41 1.29 12.41
N ALA A 336 7.15 2.61 12.40
CA ALA A 336 6.22 3.23 11.46
C ALA A 336 6.77 3.13 10.03
N LEU A 337 8.07 3.45 9.84
CA LEU A 337 8.75 3.35 8.54
C LEU A 337 8.65 1.94 7.97
N LEU A 338 8.94 0.94 8.82
CA LEU A 338 8.84 -0.47 8.46
C LEU A 338 7.42 -0.85 8.03
N GLY A 339 6.41 -0.42 8.79
CA GLY A 339 5.02 -0.72 8.44
C GLY A 339 4.55 -0.02 7.17
N TRP A 340 4.96 1.25 6.97
CA TRP A 340 4.50 2.01 5.80
C TRP A 340 5.31 1.73 4.54
N THR A 341 6.47 1.04 4.64
CA THR A 341 7.25 0.76 3.42
C THR A 341 6.60 -0.39 2.65
N GLY A 342 6.02 -1.33 3.38
CA GLY A 342 5.38 -2.51 2.79
C GLY A 342 6.38 -3.53 2.23
N SER A 343 5.97 -4.36 1.24
CA SER A 343 4.64 -4.47 0.63
C SER A 343 3.63 -5.00 1.65
N ARG A 344 2.31 -5.06 1.28
CA ARG A 344 1.31 -5.60 2.21
C ARG A 344 1.65 -7.06 2.61
N GLN A 345 2.07 -7.90 1.65
CA GLN A 345 2.42 -9.30 1.93
C GLN A 345 3.67 -9.40 2.82
N PHE A 346 4.67 -8.53 2.58
CA PHE A 346 5.88 -8.52 3.41
C PHE A 346 5.48 -8.20 4.87
N GLU A 347 4.58 -7.21 5.07
CA GLU A 347 4.11 -6.81 6.42
C GLU A 347 3.38 -7.94 7.13
N ARG A 348 2.46 -8.61 6.40
CA ARG A 348 1.70 -9.75 6.94
C ARG A 348 2.63 -10.84 7.43
N ASP A 349 3.63 -11.24 6.59
CA ASP A 349 4.57 -12.29 6.96
C ASP A 349 5.52 -11.89 8.08
N LEU A 350 5.94 -10.61 8.14
CA LEU A 350 6.77 -10.10 9.22
C LEU A 350 6.08 -10.30 10.57
N ARG A 351 4.79 -9.92 10.63
CA ARG A 351 3.99 -10.02 11.86
C ARG A 351 3.71 -11.49 12.21
N ARG A 352 3.45 -12.32 11.19
CA ARG A 352 3.20 -13.76 11.37
C ARG A 352 4.48 -14.45 11.88
N TYR A 353 5.64 -14.18 11.25
CA TYR A 353 6.94 -14.70 11.71
C TYR A 353 7.20 -14.26 13.17
N ALA A 354 7.04 -12.95 13.48
CA ALA A 354 7.26 -12.46 14.86
C ALA A 354 6.44 -13.26 15.88
N THR A 355 5.15 -13.50 15.59
CA THR A 355 4.25 -14.23 16.49
C THR A 355 4.59 -15.72 16.61
N HIS A 356 4.56 -16.44 15.49
CA HIS A 356 4.71 -17.89 15.45
C HIS A 356 6.14 -18.38 15.70
N GLU A 357 7.17 -17.66 15.19
CA GLU A 357 8.55 -18.12 15.34
C GLU A 357 9.30 -17.51 16.53
N ARG A 358 9.01 -16.28 16.93
CA ARG A 358 9.78 -15.59 17.98
C ARG A 358 8.97 -15.26 19.23
N LYS A 359 7.65 -15.52 19.24
CA LYS A 359 6.75 -15.19 20.36
C LYS A 359 6.88 -13.68 20.65
N MET A 360 6.92 -12.90 19.57
CA MET A 360 7.00 -11.43 19.62
C MET A 360 5.76 -10.85 18.96
N MET A 361 5.41 -9.63 19.36
CA MET A 361 4.22 -8.95 18.84
C MET A 361 4.68 -7.70 18.15
N LEU A 362 4.51 -7.64 16.83
CA LEU A 362 4.96 -6.50 16.04
C LEU A 362 3.79 -5.79 15.38
N ASP A 363 3.86 -4.45 15.35
CA ASP A 363 2.90 -3.57 14.66
C ASP A 363 3.62 -2.28 14.26
N ASN A 364 2.94 -1.35 13.58
CA ASN A 364 3.55 -0.10 13.13
C ASN A 364 4.06 0.79 14.28
N HIS A 365 3.67 0.51 15.53
CA HIS A 365 4.02 1.37 16.66
C HIS A 365 5.07 0.77 17.59
N ALA A 366 5.18 -0.58 17.67
CA ALA A 366 6.07 -1.19 18.65
C ALA A 366 6.38 -2.66 18.37
N LEU A 367 7.33 -3.20 19.16
CA LEU A 367 7.76 -4.60 19.16
C LEU A 367 7.86 -5.07 20.60
N TYR A 368 7.05 -6.06 20.95
CA TYR A 368 6.99 -6.57 22.31
C TYR A 368 7.41 -8.02 22.35
N ASP A 369 8.29 -8.35 23.32
CA ASP A 369 8.81 -9.70 23.53
C ASP A 369 8.03 -10.32 24.68
N ARG A 370 7.18 -11.32 24.36
CA ARG A 370 6.32 -11.99 25.36
C ARG A 370 7.12 -12.86 26.35
N THR A 371 8.30 -13.35 25.95
CA THR A 371 9.14 -14.20 26.83
C THR A 371 9.92 -13.31 27.80
N LYS A 372 10.56 -12.25 27.29
CA LYS A 372 11.35 -11.33 28.12
C LYS A 372 10.46 -10.33 28.85
N ARG A 373 9.18 -10.21 28.42
CA ARG A 373 8.16 -9.32 29.00
C ARG A 373 8.63 -7.86 28.93
N VAL A 374 9.22 -7.50 27.78
CA VAL A 374 9.74 -6.16 27.54
C VAL A 374 9.44 -5.67 26.14
N PHE A 375 9.28 -4.34 26.00
CA PHE A 375 9.19 -3.71 24.69
C PHE A 375 10.61 -3.55 24.17
N LEU A 376 10.81 -3.81 22.88
CA LEU A 376 12.15 -3.71 22.30
C LEU A 376 12.26 -2.39 21.55
N GLU A 377 13.32 -1.64 21.83
CA GLU A 377 13.58 -0.34 21.19
C GLU A 377 14.34 -0.49 19.90
N ALA A 378 14.12 0.43 18.97
CA ALA A 378 14.82 0.42 17.68
C ALA A 378 14.94 1.83 17.13
N GLU A 379 16.13 2.19 16.67
CA GLU A 379 16.38 3.51 16.07
C GLU A 379 16.37 3.42 14.55
N SER A 380 16.34 2.18 14.00
CA SER A 380 16.38 1.89 12.57
C SER A 380 15.65 0.60 12.25
N GLU A 381 15.33 0.36 10.96
CA GLU A 381 14.70 -0.89 10.54
C GLU A 381 15.64 -2.08 10.79
N GLU A 382 16.95 -1.86 10.54
CA GLU A 382 18.00 -2.87 10.76
C GLU A 382 17.93 -3.45 12.19
N GLU A 383 17.74 -2.58 13.20
CA GLU A 383 17.63 -3.02 14.60
C GLU A 383 16.36 -3.86 14.83
N ILE A 384 15.25 -3.57 14.10
CA ILE A 384 14.00 -4.35 14.20
C ILE A 384 14.27 -5.75 13.65
N PHE A 385 14.88 -5.84 12.44
CA PHE A 385 15.22 -7.12 11.84
C PHE A 385 16.14 -7.91 12.79
N ALA A 386 17.17 -7.24 13.40
CA ALA A 386 18.09 -7.94 14.30
C ALA A 386 17.35 -8.47 15.54
N HIS A 387 16.38 -7.70 16.11
CA HIS A 387 15.58 -8.15 17.26
C HIS A 387 14.80 -9.43 16.93
N LEU A 388 14.33 -9.54 15.67
CA LEU A 388 13.51 -10.64 15.18
C LEU A 388 14.34 -11.86 14.76
N GLY A 389 15.65 -11.70 14.70
CA GLY A 389 16.55 -12.78 14.30
C GLY A 389 16.50 -13.00 12.80
N LEU A 390 16.21 -11.92 12.04
CA LEU A 390 16.14 -11.95 10.58
C LEU A 390 17.31 -11.22 9.92
N ASP A 391 17.79 -11.75 8.79
CA ASP A 391 18.77 -11.03 7.96
C ASP A 391 18.05 -9.82 7.44
N TYR A 392 18.74 -8.68 7.36
CA TYR A 392 18.13 -7.46 6.91
C TYR A 392 17.72 -7.56 5.44
N ILE A 393 16.46 -7.20 5.16
CA ILE A 393 15.92 -7.19 3.80
C ILE A 393 15.82 -5.72 3.41
N GLU A 394 16.52 -5.31 2.35
CA GLU A 394 16.53 -3.92 1.87
C GLU A 394 15.13 -3.51 1.41
N PRO A 395 14.74 -2.21 1.44
CA PRO A 395 13.38 -1.84 0.98
C PRO A 395 13.04 -2.33 -0.42
N TRP A 396 14.00 -2.25 -1.37
CA TRP A 396 13.78 -2.72 -2.75
C TRP A 396 13.67 -4.24 -2.85
N GLU A 397 13.90 -4.96 -1.75
CA GLU A 397 13.81 -6.43 -1.68
C GLU A 397 12.53 -6.85 -0.94
N ARG A 398 11.64 -5.90 -0.63
CA ARG A 398 10.40 -6.19 0.07
C ARG A 398 9.19 -6.18 -0.87
N ASN A 399 9.38 -6.39 -2.16
CA ASN A 399 8.26 -6.36 -3.12
C ASN A 399 7.51 -7.73 -3.19
N ALA A 400 7.21 -8.32 -2.03
CA ALA A 400 6.56 -9.61 -1.88
C ALA A 400 5.10 -9.58 -2.35
#